data_1YT6
#
_entry.id   1YT6
#
_entity_poly.entity_id   1
_entity_poly.type   'polypeptide(L)'
_entity_poly.pdbx_seq_one_letter_code
;ACLPWSDGPC
;
_entity_poly.pdbx_strand_id   A
#
# COMPACT_ATOMS: atom_id res chain seq x y z
N ALA A 1 -5.18 0.79 -4.46
CA ALA A 1 -4.47 1.90 -3.77
C ALA A 1 -3.70 1.38 -2.55
N CYS A 2 -2.38 1.47 -2.62
CA CYS A 2 -1.51 1.01 -1.55
C CYS A 2 -2.12 1.25 -0.18
N LEU A 3 -1.76 0.41 0.79
CA LEU A 3 -2.29 0.53 2.14
C LEU A 3 -1.33 1.31 3.04
N PRO A 4 -1.84 2.00 4.07
CA PRO A 4 -1.02 2.78 5.00
C PRO A 4 0.05 1.94 5.68
N TRP A 5 -0.37 0.84 6.30
CA TRP A 5 0.55 -0.06 6.98
C TRP A 5 1.03 -1.18 6.06
N SER A 6 0.69 -1.07 4.77
CA SER A 6 1.08 -2.06 3.79
C SER A 6 0.87 -1.54 2.38
N ASP A 7 1.61 -0.48 2.04
CA ASP A 7 1.50 0.13 0.71
C ASP A 7 1.49 -0.92 -0.40
N GLY A 8 2.63 -1.56 -0.62
CA GLY A 8 2.72 -2.58 -1.65
C GLY A 8 2.90 -1.99 -3.04
N PRO A 9 2.58 -2.75 -4.10
CA PRO A 9 2.70 -2.28 -5.48
C PRO A 9 1.64 -1.24 -5.84
N CYS A 10 1.99 0.03 -5.69
CA CYS A 10 1.06 1.11 -6.00
C CYS A 10 0.78 1.17 -7.50
N ALA A 1 -5.41 0.63 -4.60
CA ALA A 1 -4.65 1.55 -3.71
C ALA A 1 -3.72 0.76 -2.80
N CYS A 2 -2.84 1.48 -2.11
CA CYS A 2 -1.89 0.87 -1.21
C CYS A 2 -2.45 0.79 0.20
N LEU A 3 -1.87 -0.09 1.01
CA LEU A 3 -2.31 -0.28 2.39
C LEU A 3 -1.91 0.90 3.26
N PRO A 4 -2.36 0.92 4.53
CA PRO A 4 -2.03 2.00 5.47
C PRO A 4 -0.53 2.10 5.70
N TRP A 5 0.16 0.96 5.59
CA TRP A 5 1.61 0.92 5.77
C TRP A 5 2.31 0.81 4.41
N SER A 6 1.58 1.11 3.33
CA SER A 6 2.13 1.05 1.98
C SER A 6 2.33 -0.38 1.51
N ASP A 7 1.37 -1.23 1.81
CA ASP A 7 1.42 -2.63 1.41
C ASP A 7 0.58 -2.83 0.15
N GLY A 8 1.26 -2.81 -0.99
CA GLY A 8 0.57 -2.98 -2.26
C GLY A 8 1.35 -2.41 -3.43
N PRO A 9 0.68 -2.02 -4.52
CA PRO A 9 1.35 -1.46 -5.70
C PRO A 9 1.92 -0.07 -5.43
N CYS A 10 2.88 -0.01 -4.50
CA CYS A 10 3.51 1.25 -4.14
C CYS A 10 4.85 1.41 -4.86
N ALA A 1 -2.51 6.12 -0.88
CA ALA A 1 -1.94 4.89 -0.26
C ALA A 1 -2.51 3.64 -0.92
N CYS A 2 -1.63 2.69 -1.22
CA CYS A 2 -2.04 1.44 -1.84
C CYS A 2 -2.49 0.43 -0.80
N LEU A 3 -1.51 -0.16 -0.17
CA LEU A 3 -1.74 -1.16 0.86
C LEU A 3 -2.28 -0.53 2.14
N PRO A 4 -3.00 -1.32 2.97
CA PRO A 4 -3.57 -0.83 4.22
C PRO A 4 -2.50 -0.25 5.14
N TRP A 5 -1.31 -0.81 5.07
CA TRP A 5 -0.19 -0.36 5.89
C TRP A 5 0.84 0.38 5.05
N SER A 6 0.36 1.06 4.01
CA SER A 6 1.25 1.81 3.12
C SER A 6 2.23 0.88 2.40
N ASP A 7 2.11 0.81 1.08
CA ASP A 7 2.99 -0.03 0.28
C ASP A 7 2.66 0.12 -1.20
N GLY A 8 3.70 0.37 -2.00
CA GLY A 8 3.50 0.54 -3.43
C GLY A 8 2.86 -0.67 -4.08
N PRO A 9 3.52 -1.84 -4.06
CA PRO A 9 2.99 -3.06 -4.65
C PRO A 9 1.57 -3.38 -4.19
N CYS A 10 0.59 -2.84 -4.91
CA CYS A 10 -0.81 -3.06 -4.57
C CYS A 10 -1.19 -4.52 -4.78
N ALA A 1 -5.38 3.15 -3.23
CA ALA A 1 -3.96 3.30 -2.83
C ALA A 1 -3.42 2.01 -2.22
N CYS A 2 -2.10 1.93 -2.06
CA CYS A 2 -1.46 0.76 -1.50
C CYS A 2 -2.07 0.36 -0.16
N LEU A 3 -1.40 -0.55 0.54
CA LEU A 3 -1.87 -1.02 1.84
C LEU A 3 -2.13 0.15 2.79
N PRO A 4 -2.83 -0.11 3.91
CA PRO A 4 -3.13 0.92 4.90
C PRO A 4 -1.90 1.69 5.34
N TRP A 5 -0.82 0.94 5.62
CA TRP A 5 0.44 1.53 6.05
C TRP A 5 1.50 1.39 4.97
N SER A 6 1.07 1.51 3.72
CA SER A 6 1.98 1.39 2.58
C SER A 6 2.60 0.00 2.53
N ASP A 7 2.18 -0.79 1.55
CA ASP A 7 2.67 -2.14 1.37
C ASP A 7 2.12 -2.75 0.09
N GLY A 8 3.01 -3.22 -0.77
CA GLY A 8 2.59 -3.82 -2.03
C GLY A 8 2.71 -2.86 -3.20
N PRO A 9 2.11 -3.19 -4.35
CA PRO A 9 2.16 -2.34 -5.54
C PRO A 9 1.31 -1.08 -5.38
N CYS A 10 1.98 0.05 -5.10
CA CYS A 10 1.29 1.32 -4.93
C CYS A 10 0.68 1.79 -6.25
N ALA A 1 -2.02 4.51 -2.24
CA ALA A 1 -2.17 3.82 -0.94
C ALA A 1 -2.58 2.37 -1.13
N CYS A 2 -1.59 1.48 -1.21
CA CYS A 2 -1.84 0.07 -1.39
C CYS A 2 -2.15 -0.62 -0.07
N LEU A 3 -1.10 -0.87 0.66
CA LEU A 3 -1.19 -1.53 1.96
C LEU A 3 -1.96 -0.67 2.95
N PRO A 4 -2.54 -1.29 3.98
CA PRO A 4 -3.32 -0.58 5.01
C PRO A 4 -2.55 0.58 5.63
N TRP A 5 -1.30 0.33 6.00
CA TRP A 5 -0.46 1.35 6.61
C TRP A 5 0.79 1.63 5.78
N SER A 6 0.73 1.29 4.50
CA SER A 6 1.86 1.51 3.61
C SER A 6 1.40 1.40 2.15
N ASP A 7 2.27 0.86 1.30
CA ASP A 7 1.95 0.71 -0.12
C ASP A 7 2.19 -0.75 -0.56
N GLY A 8 2.69 -0.94 -1.78
CA GLY A 8 2.95 -2.27 -2.28
C GLY A 8 2.68 -2.39 -3.76
N PRO A 9 1.82 -3.34 -4.18
CA PRO A 9 1.50 -3.54 -5.60
C PRO A 9 0.66 -2.41 -6.17
N CYS A 10 1.22 -1.20 -6.17
CA CYS A 10 0.52 -0.03 -6.69
C CYS A 10 1.45 0.83 -7.55
N ALA A 1 -4.47 -1.92 -2.30
CA ALA A 1 -3.86 -0.69 -2.85
C ALA A 1 -2.84 -0.10 -1.89
N CYS A 2 -1.82 0.56 -2.44
CA CYS A 2 -0.76 1.16 -1.65
C CYS A 2 -1.32 1.91 -0.44
N LEU A 3 -1.23 1.28 0.72
CA LEU A 3 -1.73 1.88 1.96
C LEU A 3 -0.64 1.97 3.03
N PRO A 4 -0.84 2.83 4.04
CA PRO A 4 0.13 3.00 5.13
C PRO A 4 0.47 1.70 5.82
N TRP A 5 -0.53 1.09 6.45
CA TRP A 5 -0.34 -0.18 7.16
C TRP A 5 -0.29 -1.35 6.17
N SER A 6 -0.48 -1.05 4.89
CA SER A 6 -0.45 -2.07 3.85
C SER A 6 -0.16 -1.42 2.50
N ASP A 7 1.10 -1.08 2.29
CA ASP A 7 1.51 -0.43 1.05
C ASP A 7 1.17 -1.30 -0.17
N GLY A 8 2.17 -1.66 -0.99
CA GLY A 8 1.90 -2.46 -2.16
C GLY A 8 2.32 -1.77 -3.45
N PRO A 9 1.91 -2.28 -4.61
CA PRO A 9 2.26 -1.70 -5.91
C PRO A 9 1.44 -0.44 -6.23
N CYS A 10 2.13 0.65 -6.52
CA CYS A 10 1.48 1.92 -6.85
C CYS A 10 1.71 2.28 -8.32
N ALA A 1 1.29 3.97 -2.61
CA ALA A 1 0.96 3.23 -1.36
C ALA A 1 -0.49 2.78 -1.37
N CYS A 2 -0.74 1.59 -1.92
CA CYS A 2 -2.07 1.04 -1.99
C CYS A 2 -2.36 0.10 -0.82
N LEU A 3 -1.52 0.18 0.20
CA LEU A 3 -1.68 -0.65 1.38
C LEU A 3 -2.03 0.18 2.60
N PRO A 4 -3.17 -0.10 3.26
CA PRO A 4 -3.62 0.65 4.44
C PRO A 4 -2.62 0.59 5.59
N TRP A 5 -1.70 -0.37 5.53
CA TRP A 5 -0.70 -0.52 6.58
C TRP A 5 0.71 -0.19 6.08
N SER A 6 0.89 -0.21 4.75
CA SER A 6 2.18 0.09 4.15
C SER A 6 1.99 0.79 2.81
N ASP A 7 2.86 0.49 1.86
CA ASP A 7 2.77 1.09 0.52
C ASP A 7 2.38 0.04 -0.51
N GLY A 8 3.35 -0.72 -0.99
CA GLY A 8 3.08 -1.74 -1.98
C GLY A 8 2.36 -1.21 -3.20
N PRO A 9 2.17 -2.05 -4.24
CA PRO A 9 1.47 -1.64 -5.46
C PRO A 9 -0.04 -1.60 -5.28
N CYS A 10 -0.76 -1.45 -6.39
CA CYS A 10 -2.22 -1.39 -6.35
C CYS A 10 -2.83 -2.64 -6.97
N ALA A 1 -5.55 4.21 -3.61
CA ALA A 1 -5.17 3.84 -2.23
C ALA A 1 -4.08 2.78 -2.21
N CYS A 2 -3.01 3.04 -1.45
CA CYS A 2 -1.90 2.11 -1.35
C CYS A 2 -2.15 1.10 -0.24
N LEU A 3 -1.08 0.45 0.22
CA LEU A 3 -1.21 -0.55 1.28
C LEU A 3 -1.82 0.07 2.54
N PRO A 4 -2.73 -0.66 3.22
CA PRO A 4 -3.41 -0.17 4.43
C PRO A 4 -2.46 0.38 5.48
N TRP A 5 -1.25 -0.17 5.54
CA TRP A 5 -0.27 0.27 6.52
C TRP A 5 1.16 0.21 5.96
N SER A 6 1.28 0.43 4.66
CA SER A 6 2.58 0.40 3.99
C SER A 6 2.42 0.83 2.54
N ASP A 7 3.18 0.20 1.66
CA ASP A 7 3.13 0.50 0.23
C ASP A 7 2.70 -0.73 -0.57
N GLY A 8 3.64 -1.62 -0.84
CA GLY A 8 3.33 -2.83 -1.59
C GLY A 8 3.23 -2.57 -3.08
N PRO A 9 2.78 -3.58 -3.86
CA PRO A 9 2.63 -3.44 -5.31
C PRO A 9 1.46 -2.54 -5.69
N CYS A 10 1.54 -1.28 -5.29
CA CYS A 10 0.49 -0.32 -5.60
C CYS A 10 0.42 -0.02 -7.09
N ALA A 1 1.31 3.03 -2.63
CA ALA A 1 0.58 3.35 -1.38
C ALA A 1 -0.80 2.71 -1.38
N CYS A 2 -0.87 1.45 -1.83
CA CYS A 2 -2.12 0.72 -1.89
C CYS A 2 -2.32 -0.13 -0.64
N LEU A 3 -1.53 0.15 0.38
CA LEU A 3 -1.61 -0.59 1.64
C LEU A 3 -1.91 0.36 2.81
N PRO A 4 -3.03 0.12 3.52
CA PRO A 4 -3.42 0.96 4.66
C PRO A 4 -2.32 1.04 5.73
N TRP A 5 -1.62 -0.07 5.93
CA TRP A 5 -0.55 -0.14 6.91
C TRP A 5 0.82 -0.30 6.24
N SER A 6 0.86 -0.08 4.93
CA SER A 6 2.10 -0.21 4.18
C SER A 6 1.98 0.56 2.85
N ASP A 7 2.60 0.04 1.81
CA ASP A 7 2.56 0.67 0.50
C ASP A 7 2.04 -0.30 -0.55
N GLY A 8 2.93 -1.11 -1.12
CA GLY A 8 2.54 -2.07 -2.14
C GLY A 8 1.61 -1.48 -3.18
N PRO A 9 2.15 -0.97 -4.30
CA PRO A 9 1.34 -0.39 -5.38
C PRO A 9 0.49 -1.43 -6.10
N CYS A 10 -0.81 -1.16 -6.17
CA CYS A 10 -1.74 -2.07 -6.83
C CYS A 10 -1.34 -2.31 -8.29
N ALA A 1 -4.34 2.54 -4.36
CA ALA A 1 -5.09 1.72 -3.38
C ALA A 1 -4.15 0.80 -2.61
N CYS A 2 -3.01 1.35 -2.18
CA CYS A 2 -2.03 0.58 -1.44
C CYS A 2 -2.52 0.30 -0.02
N LEU A 3 -1.65 -0.30 0.78
CA LEU A 3 -1.98 -0.64 2.15
C LEU A 3 -1.86 0.58 3.05
N PRO A 4 -2.57 0.57 4.20
CA PRO A 4 -2.55 1.68 5.15
C PRO A 4 -1.12 2.07 5.56
N TRP A 5 -0.27 1.06 5.72
CA TRP A 5 1.12 1.28 6.09
C TRP A 5 2.04 1.04 4.89
N SER A 6 1.56 1.37 3.70
CA SER A 6 2.33 1.20 2.47
C SER A 6 2.69 -0.26 2.26
N ASP A 7 1.94 -0.92 1.37
CA ASP A 7 2.16 -2.33 1.07
C ASP A 7 1.32 -2.77 -0.12
N GLY A 8 1.99 -3.19 -1.19
CA GLY A 8 1.29 -3.64 -2.38
C GLY A 8 1.69 -2.86 -3.62
N PRO A 9 0.73 -2.31 -4.38
CA PRO A 9 1.03 -1.55 -5.60
C PRO A 9 1.47 -0.12 -5.28
N CYS A 10 2.53 0.00 -4.48
CA CYS A 10 3.04 1.30 -4.09
C CYS A 10 4.15 1.76 -5.05
N ALA A 1 0.95 2.11 -2.79
CA ALA A 1 0.13 2.82 -1.77
C ALA A 1 -1.30 2.30 -1.75
N CYS A 2 -1.44 0.97 -1.75
CA CYS A 2 -2.75 0.35 -1.74
C CYS A 2 -3.24 0.07 -0.33
N LEU A 3 -2.36 0.26 0.63
CA LEU A 3 -2.71 0.02 2.03
C LEU A 3 -1.92 0.96 2.97
N PRO A 4 -2.56 1.42 4.05
CA PRO A 4 -1.92 2.32 5.03
C PRO A 4 -0.65 1.73 5.64
N TRP A 5 -0.80 0.56 6.26
CA TRP A 5 0.33 -0.12 6.89
C TRP A 5 0.93 -1.16 5.96
N SER A 6 0.82 -0.90 4.65
CA SER A 6 1.35 -1.81 3.64
C SER A 6 1.10 -1.25 2.25
N ASP A 7 1.46 0.01 2.04
CA ASP A 7 1.28 0.69 0.77
C ASP A 7 1.28 -0.29 -0.41
N GLY A 8 2.48 -0.64 -0.87
CA GLY A 8 2.60 -1.57 -1.98
C GLY A 8 2.00 -1.01 -3.26
N PRO A 9 2.79 -0.91 -4.34
CA PRO A 9 2.32 -0.38 -5.62
C PRO A 9 1.38 -1.36 -6.33
N CYS A 10 0.08 -1.05 -6.27
CA CYS A 10 -0.92 -1.90 -6.91
C CYS A 10 -0.76 -1.90 -8.42
N ALA A 1 -6.39 1.09 -3.39
CA ALA A 1 -4.99 1.53 -3.57
C ALA A 1 -4.11 1.07 -2.41
N CYS A 2 -2.80 1.24 -2.55
CA CYS A 2 -1.84 0.85 -1.52
C CYS A 2 -2.39 1.09 -0.12
N LEU A 3 -1.94 0.28 0.83
CA LEU A 3 -2.39 0.40 2.22
C LEU A 3 -1.46 1.30 3.02
N PRO A 4 -1.97 1.95 4.09
CA PRO A 4 -1.17 2.83 4.93
C PRO A 4 0.02 2.12 5.57
N TRP A 5 -0.26 0.98 6.18
CA TRP A 5 0.79 0.19 6.84
C TRP A 5 1.18 -1.00 5.99
N SER A 6 1.05 -0.86 4.67
CA SER A 6 1.39 -1.92 3.73
C SER A 6 1.03 -1.52 2.31
N ASP A 7 1.62 -0.41 1.85
CA ASP A 7 1.36 0.11 0.51
C ASP A 7 1.29 -1.01 -0.53
N GLY A 8 2.42 -1.67 -0.77
CA GLY A 8 2.45 -2.75 -1.74
C GLY A 8 2.72 -2.27 -3.15
N PRO A 9 2.09 -2.88 -4.16
CA PRO A 9 2.29 -2.48 -5.56
C PRO A 9 1.72 -1.09 -5.86
N CYS A 10 2.61 -0.12 -6.00
CA CYS A 10 2.20 1.25 -6.28
C CYS A 10 3.36 2.06 -6.86
N ALA A 1 -4.34 3.38 -4.42
CA ALA A 1 -4.88 2.08 -3.97
C ALA A 1 -3.81 1.29 -3.20
N CYS A 2 -2.93 2.01 -2.52
CA CYS A 2 -1.87 1.40 -1.75
C CYS A 2 -2.35 0.99 -0.36
N LEU A 3 -1.55 0.19 0.33
CA LEU A 3 -1.91 -0.27 1.68
C LEU A 3 -1.36 0.69 2.74
N PRO A 4 -2.24 1.21 3.62
CA PRO A 4 -1.83 2.14 4.68
C PRO A 4 -0.75 1.55 5.59
N TRP A 5 -0.91 0.27 5.91
CA TRP A 5 0.05 -0.42 6.77
C TRP A 5 1.32 -0.77 6.01
N SER A 6 1.19 -0.93 4.69
CA SER A 6 2.33 -1.26 3.84
C SER A 6 1.98 -1.03 2.37
N ASP A 7 2.42 0.12 1.85
CA ASP A 7 2.16 0.48 0.45
C ASP A 7 2.24 -0.73 -0.48
N GLY A 8 3.43 -1.31 -0.58
CA GLY A 8 3.62 -2.46 -1.44
C GLY A 8 3.03 -2.28 -2.83
N PRO A 9 1.90 -2.91 -3.13
CA PRO A 9 1.24 -2.80 -4.43
C PRO A 9 0.66 -1.41 -4.67
N CYS A 10 1.37 -0.60 -5.45
CA CYS A 10 0.93 0.76 -5.75
C CYS A 10 0.78 0.95 -7.26
N ALA A 1 -0.09 4.18 0.66
CA ALA A 1 -0.62 3.72 -0.65
C ALA A 1 -1.72 2.68 -0.45
N CYS A 2 -2.05 1.97 -1.53
CA CYS A 2 -3.10 0.95 -1.50
C CYS A 2 -3.08 0.17 -0.20
N LEU A 3 -1.89 -0.05 0.27
CA LEU A 3 -1.67 -0.79 1.50
C LEU A 3 -2.27 -0.06 2.70
N PRO A 4 -3.12 -0.74 3.49
CA PRO A 4 -3.77 -0.16 4.67
C PRO A 4 -2.78 0.53 5.60
N TRP A 5 -1.57 0.00 5.67
CA TRP A 5 -0.54 0.56 6.55
C TRP A 5 0.85 0.47 5.90
N SER A 6 0.89 0.58 4.58
CA SER A 6 2.15 0.52 3.85
C SER A 6 1.96 1.08 2.44
N ASP A 7 2.65 0.50 1.47
CA ASP A 7 2.57 0.94 0.09
C ASP A 7 2.07 -0.19 -0.81
N GLY A 8 2.91 -1.20 -1.00
CA GLY A 8 2.52 -2.32 -1.84
C GLY A 8 2.45 -1.95 -3.31
N PRO A 9 2.65 -2.90 -4.22
CA PRO A 9 2.60 -2.66 -5.67
C PRO A 9 1.18 -2.38 -6.15
N CYS A 10 1.05 -1.47 -7.12
CA CYS A 10 -0.25 -1.12 -7.67
C CYS A 10 -0.10 -0.51 -9.06
N ALA A 1 -4.58 4.14 -2.98
CA ALA A 1 -5.39 3.04 -2.39
C ALA A 1 -4.54 1.81 -2.12
N CYS A 2 -3.30 2.04 -1.69
CA CYS A 2 -2.39 0.95 -1.40
C CYS A 2 -2.58 0.43 0.02
N LEU A 3 -1.60 -0.31 0.52
CA LEU A 3 -1.67 -0.87 1.87
C LEU A 3 -1.91 0.23 2.91
N PRO A 4 -2.74 -0.04 3.94
CA PRO A 4 -3.03 0.94 4.99
C PRO A 4 -1.79 1.46 5.67
N TRP A 5 -0.91 0.54 6.08
CA TRP A 5 0.32 0.90 6.76
C TRP A 5 1.55 0.54 5.92
N SER A 6 1.36 0.47 4.60
CA SER A 6 2.44 0.14 3.70
C SER A 6 2.09 0.55 2.27
N ASP A 7 2.52 -0.24 1.30
CA ASP A 7 2.25 0.05 -0.10
C ASP A 7 2.07 -1.25 -0.89
N GLY A 8 3.19 -1.87 -1.25
CA GLY A 8 3.13 -3.12 -2.00
C GLY A 8 2.94 -2.88 -3.49
N PRO A 9 1.79 -3.30 -4.06
CA PRO A 9 1.51 -3.12 -5.49
C PRO A 9 1.28 -1.66 -5.86
N CYS A 10 2.31 -0.84 -5.68
CA CYS A 10 2.23 0.59 -5.99
C CYS A 10 3.37 1.02 -6.90
N ALA A 1 -6.57 0.58 -4.32
CA ALA A 1 -5.72 1.66 -3.75
C ALA A 1 -4.75 1.10 -2.72
N CYS A 2 -3.74 0.38 -3.20
CA CYS A 2 -2.72 -0.23 -2.35
C CYS A 2 -2.40 0.64 -1.13
N LEU A 3 -1.98 0.00 -0.05
CA LEU A 3 -1.63 0.70 1.17
C LEU A 3 -0.11 0.76 1.33
N PRO A 4 0.49 1.94 1.09
CA PRO A 4 1.95 2.11 1.18
C PRO A 4 2.50 1.74 2.57
N TRP A 5 1.61 1.60 3.55
CA TRP A 5 2.04 1.28 4.91
C TRP A 5 1.38 0.00 5.43
N SER A 6 0.70 -0.75 4.56
CA SER A 6 0.06 -1.98 5.00
C SER A 6 -0.55 -2.79 3.86
N ASP A 7 -0.08 -2.56 2.63
CA ASP A 7 -0.59 -3.30 1.48
C ASP A 7 0.07 -2.85 0.17
N GLY A 8 1.34 -3.23 0.01
CA GLY A 8 2.07 -2.87 -1.19
C GLY A 8 2.21 -1.36 -1.37
N PRO A 9 3.31 -0.90 -1.97
CA PRO A 9 3.56 0.53 -2.19
C PRO A 9 2.91 1.05 -3.47
N CYS A 10 1.72 1.63 -3.32
CA CYS A 10 1.00 2.19 -4.47
C CYS A 10 1.83 3.26 -5.17
N ALA A 1 -4.00 0.03 -4.72
CA ALA A 1 -2.87 0.96 -4.44
C ALA A 1 -2.10 0.54 -3.20
N CYS A 2 -1.35 1.49 -2.64
CA CYS A 2 -0.55 1.24 -1.46
C CYS A 2 -1.44 1.04 -0.24
N LEU A 3 -0.87 0.48 0.83
CA LEU A 3 -1.62 0.24 2.06
C LEU A 3 -1.27 1.27 3.14
N PRO A 4 -2.29 1.81 3.83
CA PRO A 4 -2.08 2.80 4.90
C PRO A 4 -1.05 2.36 5.92
N TRP A 5 -1.11 1.08 6.30
CA TRP A 5 -0.19 0.52 7.28
C TRP A 5 0.85 -0.39 6.61
N SER A 6 0.67 -0.68 5.33
CA SER A 6 1.60 -1.53 4.61
C SER A 6 2.03 -0.88 3.30
N ASP A 7 2.25 -1.69 2.27
CA ASP A 7 2.66 -1.17 0.96
C ASP A 7 1.84 -1.83 -0.14
N GLY A 8 2.49 -2.18 -1.26
CA GLY A 8 1.77 -2.82 -2.36
C GLY A 8 1.83 -2.03 -3.65
N PRO A 9 1.24 -2.54 -4.74
CA PRO A 9 1.22 -1.87 -6.04
C PRO A 9 0.48 -0.54 -5.98
N CYS A 10 1.22 0.54 -5.70
CA CYS A 10 0.63 1.86 -5.61
C CYS A 10 -0.10 2.22 -6.90
N ALA A 1 -5.16 -0.19 -3.97
CA ALA A 1 -4.51 1.10 -3.60
C ALA A 1 -3.65 0.94 -2.36
N CYS A 2 -2.34 1.15 -2.53
CA CYS A 2 -1.37 1.03 -1.44
C CYS A 2 -1.97 1.52 -0.13
N LEU A 3 -1.68 0.79 0.96
CA LEU A 3 -2.20 1.16 2.27
C LEU A 3 -1.07 1.63 3.19
N PRO A 4 -1.40 2.43 4.21
CA PRO A 4 -0.41 2.95 5.17
C PRO A 4 0.31 1.84 5.91
N TRP A 5 -0.45 0.90 6.46
CA TRP A 5 0.12 -0.22 7.19
C TRP A 5 0.59 -1.32 6.24
N SER A 6 0.22 -1.19 4.96
CA SER A 6 0.60 -2.16 3.95
C SER A 6 0.51 -1.54 2.55
N ASP A 7 1.50 -0.73 2.21
CA ASP A 7 1.52 -0.07 0.92
C ASP A 7 1.34 -1.07 -0.22
N GLY A 8 2.44 -1.48 -0.86
CA GLY A 8 2.36 -2.43 -1.96
C GLY A 8 2.69 -1.81 -3.30
N PRO A 9 2.57 -2.57 -4.39
CA PRO A 9 2.87 -2.07 -5.74
C PRO A 9 1.80 -1.10 -6.24
N CYS A 10 2.14 0.18 -6.24
CA CYS A 10 1.21 1.21 -6.70
C CYS A 10 1.35 1.44 -8.21
N ALA A 1 -5.41 -0.24 -4.87
CA ALA A 1 -5.37 0.59 -3.63
C ALA A 1 -4.11 0.31 -2.82
N CYS A 2 -3.44 1.37 -2.40
CA CYS A 2 -2.22 1.24 -1.62
C CYS A 2 -2.52 1.23 -0.13
N LEU A 3 -1.60 0.69 0.65
CA LEU A 3 -1.76 0.61 2.10
C LEU A 3 -0.86 1.63 2.80
N PRO A 4 -1.42 2.44 3.69
CA PRO A 4 -0.67 3.46 4.44
C PRO A 4 0.60 2.90 5.07
N TRP A 5 0.61 1.60 5.33
CA TRP A 5 1.77 0.97 5.96
C TRP A 5 1.85 -0.52 5.65
N SER A 6 1.44 -0.91 4.44
CA SER A 6 1.47 -2.31 4.05
C SER A 6 1.23 -2.46 2.55
N ASP A 7 0.48 -3.50 2.18
CA ASP A 7 0.16 -3.81 0.78
C ASP A 7 -0.03 -2.54 -0.06
N GLY A 8 1.07 -2.04 -0.60
CA GLY A 8 1.02 -0.83 -1.40
C GLY A 8 1.95 -0.89 -2.59
N PRO A 9 1.57 -1.60 -3.67
CA PRO A 9 2.39 -1.72 -4.87
C PRO A 9 2.32 -0.46 -5.73
N CYS A 10 2.69 0.67 -5.14
CA CYS A 10 2.67 1.95 -5.85
C CYS A 10 4.07 2.50 -6.04
N ALA A 1 -5.89 1.82 -4.01
CA ALA A 1 -5.24 2.55 -2.90
C ALA A 1 -4.33 1.63 -2.10
N CYS A 2 -3.03 1.72 -2.37
CA CYS A 2 -2.03 0.90 -1.68
C CYS A 2 -2.35 0.73 -0.21
N LEU A 3 -1.81 -0.33 0.40
CA LEU A 3 -2.04 -0.60 1.81
C LEU A 3 -1.61 0.57 2.67
N PRO A 4 -2.45 1.03 3.61
CA PRO A 4 -2.13 2.16 4.50
C PRO A 4 -0.87 1.93 5.31
N TRP A 5 -0.89 0.87 6.11
CA TRP A 5 0.25 0.53 6.96
C TRP A 5 1.43 0.02 6.15
N SER A 6 1.24 -0.22 4.85
CA SER A 6 2.30 -0.71 4.00
C SER A 6 2.24 -0.04 2.62
N ASP A 7 2.55 -0.80 1.58
CA ASP A 7 2.53 -0.26 0.22
C ASP A 7 2.05 -1.32 -0.77
N GLY A 8 2.94 -2.23 -1.15
CA GLY A 8 2.58 -3.28 -2.09
C GLY A 8 2.47 -2.77 -3.51
N PRO A 9 1.27 -2.84 -4.12
CA PRO A 9 1.06 -2.37 -5.50
C PRO A 9 1.08 -0.85 -5.60
N CYS A 10 2.27 -0.26 -5.42
CA CYS A 10 2.41 1.18 -5.50
C CYS A 10 3.89 1.57 -5.58
N ALA A 1 -3.36 0.49 -4.98
CA ALA A 1 -4.03 1.21 -3.87
C ALA A 1 -3.19 1.15 -2.60
N CYS A 2 -1.93 1.58 -2.70
CA CYS A 2 -1.00 1.57 -1.58
C CYS A 2 -1.71 1.82 -0.24
N LEU A 3 -1.58 0.87 0.68
CA LEU A 3 -2.20 0.97 1.99
C LEU A 3 -1.20 1.43 3.05
N PRO A 4 -1.67 2.16 4.07
CA PRO A 4 -0.80 2.65 5.15
C PRO A 4 -0.04 1.52 5.83
N TRP A 5 -0.77 0.61 6.46
CA TRP A 5 -0.17 -0.52 7.15
C TRP A 5 0.66 -1.38 6.21
N SER A 6 0.40 -1.26 4.91
CA SER A 6 1.12 -2.01 3.90
C SER A 6 0.91 -1.41 2.52
N ASP A 7 1.79 -0.50 2.14
CA ASP A 7 1.70 0.17 0.83
C ASP A 7 1.66 -0.86 -0.30
N GLY A 8 2.83 -1.36 -0.68
CA GLY A 8 2.89 -2.33 -1.76
C GLY A 8 2.74 -1.69 -3.13
N PRO A 9 2.67 -2.50 -4.20
CA PRO A 9 2.53 -2.00 -5.57
C PRO A 9 1.18 -1.30 -5.80
N CYS A 10 1.19 0.02 -5.82
CA CYS A 10 -0.03 0.79 -6.03
C CYS A 10 -0.68 0.44 -7.36
N ALA A 1 -5.01 3.92 -4.59
CA ALA A 1 -5.18 3.57 -3.16
C ALA A 1 -4.32 2.36 -2.79
N CYS A 2 -3.16 2.61 -2.19
CA CYS A 2 -2.27 1.55 -1.79
C CYS A 2 -2.63 1.04 -0.40
N LEU A 3 -1.70 0.33 0.25
CA LEU A 3 -1.94 -0.20 1.58
C LEU A 3 -1.38 0.72 2.66
N PRO A 4 -2.23 1.19 3.59
CA PRO A 4 -1.80 2.09 4.68
C PRO A 4 -0.62 1.54 5.47
N TRP A 5 -0.83 0.38 6.09
CA TRP A 5 0.22 -0.25 6.90
C TRP A 5 0.97 -1.30 6.07
N SER A 6 1.20 -0.99 4.80
CA SER A 6 1.92 -1.89 3.90
C SER A 6 1.80 -1.41 2.46
N ASP A 7 2.19 -0.15 2.23
CA ASP A 7 2.12 0.46 0.90
C ASP A 7 2.24 -0.57 -0.22
N GLY A 8 3.43 -1.14 -0.38
CA GLY A 8 3.64 -2.14 -1.41
C GLY A 8 3.31 -1.62 -2.80
N PRO A 9 3.76 -2.33 -3.85
CA PRO A 9 3.50 -1.93 -5.24
C PRO A 9 2.06 -2.20 -5.66
N CYS A 10 1.21 -1.18 -5.57
CA CYS A 10 -0.19 -1.31 -5.93
C CYS A 10 -0.44 -0.80 -7.34
N ALA A 1 -6.18 2.18 -3.89
CA ALA A 1 -5.05 2.76 -3.12
C ALA A 1 -4.11 1.67 -2.64
N CYS A 2 -3.02 2.08 -2.00
CA CYS A 2 -2.03 1.16 -1.48
C CYS A 2 -2.41 0.67 -0.08
N LEU A 3 -1.46 0.03 0.59
CA LEU A 3 -1.69 -0.50 1.94
C LEU A 3 -1.69 0.63 2.97
N PRO A 4 -2.62 0.58 3.94
CA PRO A 4 -2.71 1.61 4.99
C PRO A 4 -1.41 1.77 5.77
N TRP A 5 -0.87 0.66 6.25
CA TRP A 5 0.38 0.67 7.00
C TRP A 5 1.52 0.06 6.19
N SER A 6 1.37 0.06 4.88
CA SER A 6 2.38 -0.50 4.00
C SER A 6 2.24 0.10 2.59
N ASP A 7 2.52 -0.70 1.57
CA ASP A 7 2.41 -0.24 0.19
C ASP A 7 2.03 -1.39 -0.74
N GLY A 8 3.02 -2.16 -1.16
CA GLY A 8 2.75 -3.28 -2.06
C GLY A 8 2.61 -2.84 -3.50
N PRO A 9 1.40 -2.97 -4.10
CA PRO A 9 1.16 -2.57 -5.48
C PRO A 9 1.13 -1.06 -5.66
N CYS A 10 2.31 -0.45 -5.79
CA CYS A 10 2.41 0.99 -5.97
C CYS A 10 3.56 1.34 -6.91
N ALA A 1 -5.49 0.99 -4.86
CA ALA A 1 -5.69 1.31 -3.42
C ALA A 1 -4.49 0.86 -2.59
N CYS A 2 -3.60 1.80 -2.30
CA CYS A 2 -2.41 1.51 -1.51
C CYS A 2 -2.70 1.65 -0.02
N LEU A 3 -1.83 1.08 0.80
CA LEU A 3 -1.99 1.14 2.25
C LEU A 3 -0.73 1.66 2.92
N PRO A 4 -0.88 2.66 3.81
CA PRO A 4 0.26 3.24 4.52
C PRO A 4 1.07 2.21 5.30
N TRP A 5 0.53 1.01 5.47
CA TRP A 5 1.21 -0.02 6.24
C TRP A 5 0.84 -1.44 5.80
N SER A 6 0.29 -1.59 4.59
CA SER A 6 -0.09 -2.92 4.12
C SER A 6 -0.24 -2.99 2.60
N ASP A 7 0.42 -2.09 1.89
CA ASP A 7 0.36 -2.08 0.44
C ASP A 7 1.41 -1.14 -0.15
N GLY A 8 2.59 -1.67 -0.43
CA GLY A 8 3.66 -0.87 -0.98
C GLY A 8 3.54 -0.68 -2.48
N PRO A 9 3.68 -1.76 -3.27
CA PRO A 9 3.58 -1.68 -4.73
C PRO A 9 2.21 -1.18 -5.19
N CYS A 10 2.22 -0.17 -6.05
CA CYS A 10 0.99 0.40 -6.58
C CYS A 10 1.23 1.09 -7.91
N ALA A 1 -5.14 2.53 -3.81
CA ALA A 1 -3.66 2.68 -3.82
C ALA A 1 -3.01 1.76 -2.79
N CYS A 2 -1.68 1.85 -2.68
CA CYS A 2 -0.92 1.03 -1.75
C CYS A 2 -1.65 0.86 -0.42
N LEU A 3 -1.29 -0.21 0.30
CA LEU A 3 -1.91 -0.51 1.58
C LEU A 3 -1.72 0.63 2.57
N PRO A 4 -2.69 0.84 3.48
CA PRO A 4 -2.64 1.90 4.49
C PRO A 4 -1.43 1.77 5.41
N TRP A 5 -1.26 0.60 6.00
CA TRP A 5 -0.14 0.35 6.91
C TRP A 5 1.02 -0.34 6.20
N SER A 6 1.10 -0.14 4.89
CA SER A 6 2.16 -0.73 4.09
C SER A 6 2.24 -0.04 2.73
N ASP A 7 2.54 -0.79 1.69
CA ASP A 7 2.64 -0.23 0.34
C ASP A 7 2.47 -1.31 -0.73
N GLY A 8 3.55 -2.01 -1.04
CA GLY A 8 3.49 -3.05 -2.04
C GLY A 8 2.97 -2.55 -3.37
N PRO A 9 1.80 -3.03 -3.83
CA PRO A 9 1.21 -2.60 -5.10
C PRO A 9 0.47 -1.27 -4.97
N CYS A 10 1.21 -0.18 -5.07
CA CYS A 10 0.62 1.16 -4.97
C CYS A 10 -0.46 1.36 -6.02
N ALA A 1 -4.50 -0.63 -3.51
CA ALA A 1 -3.79 0.68 -3.54
C ALA A 1 -2.92 0.87 -2.30
N CYS A 2 -1.73 1.44 -2.52
CA CYS A 2 -0.77 1.68 -1.44
C CYS A 2 -1.48 2.00 -0.12
N LEU A 3 -1.43 1.04 0.82
CA LEU A 3 -2.07 1.21 2.11
C LEU A 3 -1.05 1.64 3.18
N PRO A 4 -1.45 2.54 4.09
CA PRO A 4 -0.57 3.02 5.16
C PRO A 4 0.08 1.89 5.95
N TRP A 5 -0.67 0.80 6.13
CA TRP A 5 -0.18 -0.35 6.87
C TRP A 5 0.33 -1.42 5.91
N SER A 6 -0.15 -1.38 4.68
CA SER A 6 0.26 -2.35 3.66
C SER A 6 0.41 -1.67 2.31
N ASP A 7 1.43 -0.82 2.18
CA ASP A 7 1.68 -0.09 0.95
C ASP A 7 1.56 -1.01 -0.28
N GLY A 8 2.67 -1.57 -0.74
CA GLY A 8 2.64 -2.44 -1.89
C GLY A 8 2.68 -1.67 -3.20
N PRO A 9 2.81 -2.37 -4.34
CA PRO A 9 2.87 -1.71 -5.66
C PRO A 9 1.54 -1.06 -6.04
N CYS A 10 1.52 0.28 -6.01
CA CYS A 10 0.32 1.02 -6.36
C CYS A 10 -0.10 0.75 -7.79
N ALA A 1 -5.46 1.85 -4.50
CA ALA A 1 -5.79 2.08 -3.07
C ALA A 1 -4.70 1.52 -2.16
N CYS A 2 -3.47 1.53 -2.65
CA CYS A 2 -2.32 1.02 -1.90
C CYS A 2 -2.44 1.34 -0.41
N LEU A 3 -1.97 0.42 0.42
CA LEU A 3 -2.02 0.62 1.87
C LEU A 3 -0.71 1.21 2.40
N PRO A 4 -0.79 2.37 3.08
CA PRO A 4 0.40 3.03 3.64
C PRO A 4 1.14 2.15 4.65
N TRP A 5 0.41 1.23 5.27
CA TRP A 5 0.98 0.33 6.25
C TRP A 5 1.10 -1.10 5.71
N SER A 6 0.42 -1.37 4.61
CA SER A 6 0.46 -2.69 3.99
C SER A 6 0.97 -2.57 2.54
N ASP A 7 0.43 -3.40 1.65
CA ASP A 7 0.83 -3.39 0.24
C ASP A 7 1.00 -1.98 -0.29
N GLY A 8 2.17 -1.41 -0.08
CA GLY A 8 2.46 -0.07 -0.55
C GLY A 8 2.64 0.02 -2.04
N PRO A 9 3.67 -0.65 -2.60
CA PRO A 9 3.93 -0.63 -4.04
C PRO A 9 2.68 -0.89 -4.87
N CYS A 10 2.02 0.18 -5.30
CA CYS A 10 0.81 0.07 -6.10
C CYS A 10 1.11 -0.52 -7.47
N ALA A 1 -4.32 1.11 -4.47
CA ALA A 1 -4.90 1.07 -3.11
C ALA A 1 -3.85 0.74 -2.07
N CYS A 2 -2.60 1.13 -2.34
CA CYS A 2 -1.48 0.89 -1.44
C CYS A 2 -1.89 1.05 0.02
N LEU A 3 -1.78 -0.03 0.77
CA LEU A 3 -2.14 -0.04 2.19
C LEU A 3 -1.34 1.02 2.95
N PRO A 4 -2.03 1.91 3.70
CA PRO A 4 -1.35 2.95 4.49
C PRO A 4 -0.40 2.36 5.52
N TRP A 5 -0.90 1.37 6.26
CA TRP A 5 -0.10 0.70 7.29
C TRP A 5 0.90 -0.27 6.66
N SER A 6 0.68 -0.62 5.39
CA SER A 6 1.56 -1.55 4.70
C SER A 6 2.04 -0.93 3.38
N ASP A 7 2.21 -1.76 2.36
CA ASP A 7 2.67 -1.28 1.06
C ASP A 7 1.78 -1.83 -0.06
N GLY A 8 2.37 -2.14 -1.20
CA GLY A 8 1.61 -2.66 -2.32
C GLY A 8 2.01 -2.04 -3.64
N PRO A 9 1.52 -2.57 -4.76
CA PRO A 9 1.84 -2.06 -6.11
C PRO A 9 1.25 -0.68 -6.34
N CYS A 10 2.12 0.32 -6.48
CA CYS A 10 1.68 1.69 -6.72
C CYS A 10 2.77 2.50 -7.42
N ALA A 1 -6.22 -0.80 -3.73
CA ALA A 1 -5.31 0.38 -3.72
C ALA A 1 -4.17 0.18 -2.72
N CYS A 2 -3.44 1.24 -2.46
CA CYS A 2 -2.32 1.20 -1.53
C CYS A 2 -2.78 1.43 -0.10
N LEU A 3 -1.91 1.12 0.87
CA LEU A 3 -2.24 1.29 2.27
C LEU A 3 -1.00 1.70 3.07
N PRO A 4 -1.17 2.53 4.11
CA PRO A 4 -0.06 2.98 4.96
C PRO A 4 0.72 1.82 5.54
N TRP A 5 0.04 1.03 6.36
CA TRP A 5 0.66 -0.14 7.00
C TRP A 5 0.99 -1.21 5.97
N SER A 6 0.44 -1.08 4.77
CA SER A 6 0.70 -2.04 3.71
C SER A 6 0.55 -1.38 2.34
N ASP A 7 1.61 -0.70 1.91
CA ASP A 7 1.61 -0.01 0.62
C ASP A 7 1.10 -0.92 -0.50
N GLY A 8 2.01 -1.71 -1.07
CA GLY A 8 1.63 -2.61 -2.15
C GLY A 8 2.32 -2.28 -3.46
N PRO A 9 1.65 -2.48 -4.60
CA PRO A 9 2.22 -2.20 -5.92
C PRO A 9 2.17 -0.72 -6.28
N CYS A 10 2.86 0.10 -5.50
CA CYS A 10 2.90 1.55 -5.74
C CYS A 10 4.34 2.05 -5.79
N ALA A 1 -0.25 4.95 -1.13
CA ALA A 1 -0.16 3.64 -0.44
C ALA A 1 -1.37 2.77 -0.78
N CYS A 2 -1.11 1.63 -1.43
CA CYS A 2 -2.16 0.72 -1.81
C CYS A 2 -2.42 -0.33 -0.74
N LEU A 3 -1.80 -0.17 0.42
CA LEU A 3 -1.98 -1.10 1.53
C LEU A 3 -2.32 -0.35 2.82
N PRO A 4 -3.11 -0.98 3.71
CA PRO A 4 -3.49 -0.38 4.99
C PRO A 4 -2.27 0.00 5.82
N TRP A 5 -1.18 -0.72 5.62
CA TRP A 5 0.05 -0.46 6.35
C TRP A 5 1.03 0.33 5.50
N SER A 6 0.49 1.10 4.55
CA SER A 6 1.30 1.91 3.65
C SER A 6 2.20 1.04 2.78
N ASP A 7 1.83 0.92 1.52
CA ASP A 7 2.58 0.13 0.55
C ASP A 7 1.89 0.18 -0.80
N GLY A 8 2.66 0.41 -1.85
CA GLY A 8 2.08 0.50 -3.18
C GLY A 8 2.38 -0.70 -4.07
N PRO A 9 1.90 -1.90 -3.71
CA PRO A 9 2.11 -3.11 -4.51
C PRO A 9 1.05 -3.28 -5.59
N CYS A 10 0.47 -2.16 -6.03
CA CYS A 10 -0.57 -2.18 -7.05
C CYS A 10 0.05 -2.07 -8.44
N ALA A 1 3.00 1.20 -2.36
CA ALA A 1 2.48 1.06 -0.98
C ALA A 1 1.12 1.74 -0.84
N CYS A 2 0.13 1.22 -1.55
CA CYS A 2 -1.22 1.77 -1.51
C CYS A 2 -2.09 1.05 -0.50
N LEU A 3 -1.46 0.28 0.38
CA LEU A 3 -2.17 -0.46 1.40
C LEU A 3 -2.52 0.45 2.58
N PRO A 4 -3.39 -0.03 3.50
CA PRO A 4 -3.80 0.74 4.67
C PRO A 4 -2.62 1.29 5.47
N TRP A 5 -1.49 0.59 5.38
CA TRP A 5 -0.29 0.99 6.11
C TRP A 5 0.96 0.85 5.23
N SER A 6 0.89 1.41 4.02
CA SER A 6 2.01 1.33 3.09
C SER A 6 2.37 -0.11 2.78
N ASP A 7 1.92 -0.60 1.63
CA ASP A 7 2.19 -1.97 1.22
C ASP A 7 1.56 -2.26 -0.13
N GLY A 8 2.33 -2.88 -1.01
CA GLY A 8 1.82 -3.21 -2.34
C GLY A 8 1.56 -1.98 -3.19
N PRO A 9 1.40 -2.15 -4.51
CA PRO A 9 1.14 -1.03 -5.42
C PRO A 9 -0.29 -0.49 -5.28
N CYS A 10 -0.68 0.37 -6.20
CA CYS A 10 -2.01 0.96 -6.18
C CYS A 10 -2.94 0.24 -7.17
N ALA A 1 -6.16 2.68 -4.79
CA ALA A 1 -5.30 3.05 -3.64
C ALA A 1 -4.76 1.81 -2.94
N CYS A 2 -3.46 1.82 -2.66
CA CYS A 2 -2.81 0.70 -1.99
C CYS A 2 -2.91 0.83 -0.48
N LEU A 3 -2.08 0.08 0.23
CA LEU A 3 -2.08 0.11 1.70
C LEU A 3 -0.76 0.65 2.23
N PRO A 4 -0.76 1.89 2.76
CA PRO A 4 0.46 2.51 3.31
C PRO A 4 1.13 1.62 4.35
N TRP A 5 0.42 1.35 5.44
CA TRP A 5 0.93 0.51 6.52
C TRP A 5 1.34 -0.87 6.00
N SER A 6 0.72 -1.29 4.91
CA SER A 6 1.01 -2.59 4.31
C SER A 6 1.43 -2.44 2.85
N ASP A 7 0.97 -3.34 1.98
CA ASP A 7 1.30 -3.30 0.57
C ASP A 7 1.12 -1.90 -0.02
N GLY A 8 2.16 -1.08 0.13
CA GLY A 8 2.12 0.28 -0.38
C GLY A 8 2.28 0.34 -1.88
N PRO A 9 3.43 -0.11 -2.42
CA PRO A 9 3.68 -0.08 -3.86
C PRO A 9 2.65 -0.89 -4.65
N CYS A 10 1.82 -0.19 -5.42
CA CYS A 10 0.79 -0.85 -6.22
C CYS A 10 1.23 -0.97 -7.67
N ALA A 1 -2.39 4.94 -2.27
CA ALA A 1 -1.69 3.63 -2.21
C ALA A 1 -2.66 2.49 -1.98
N CYS A 2 -2.13 1.29 -1.78
CA CYS A 2 -2.93 0.11 -1.54
C CYS A 2 -3.31 -0.01 -0.07
N LEU A 3 -2.38 -0.50 0.69
CA LEU A 3 -2.55 -0.70 2.12
C LEU A 3 -1.99 0.50 2.90
N PRO A 4 -2.69 0.92 3.97
CA PRO A 4 -2.25 2.05 4.80
C PRO A 4 -0.89 1.81 5.44
N TRP A 5 -0.75 0.66 6.09
CA TRP A 5 0.49 0.30 6.76
C TRP A 5 1.32 -0.65 5.91
N SER A 6 1.16 -0.56 4.60
CA SER A 6 1.91 -1.41 3.67
C SER A 6 1.46 -1.17 2.23
N ASP A 7 1.43 0.11 1.84
CA ASP A 7 1.02 0.51 0.49
C ASP A 7 1.33 -0.56 -0.55
N GLY A 8 2.62 -0.74 -0.86
CA GLY A 8 3.02 -1.74 -1.82
C GLY A 8 2.79 -1.28 -3.26
N PRO A 9 3.62 -1.76 -4.21
CA PRO A 9 3.49 -1.40 -5.62
C PRO A 9 2.27 -2.01 -6.28
N CYS A 10 1.11 -1.38 -6.09
CA CYS A 10 -0.13 -1.88 -6.67
C CYS A 10 -0.38 -1.25 -8.04
N ALA A 1 -7.15 1.22 -3.21
CA ALA A 1 -5.79 1.82 -3.35
C ALA A 1 -4.78 1.09 -2.47
N CYS A 2 -3.75 0.53 -3.11
CA CYS A 2 -2.70 -0.21 -2.41
C CYS A 2 -2.40 0.39 -1.03
N LEU A 3 -2.06 -0.47 -0.08
CA LEU A 3 -1.74 -0.03 1.27
C LEU A 3 -0.58 0.98 1.26
N PRO A 4 -0.87 2.25 1.55
CA PRO A 4 0.16 3.31 1.57
C PRO A 4 1.29 3.00 2.54
N TRP A 5 1.06 2.09 3.47
CA TRP A 5 2.07 1.74 4.46
C TRP A 5 2.04 0.24 4.79
N SER A 6 1.60 -0.57 3.83
CA SER A 6 1.52 -2.02 4.04
C SER A 6 1.34 -2.74 2.70
N ASP A 7 0.49 -3.77 2.71
CA ASP A 7 0.22 -4.57 1.52
C ASP A 7 -0.17 -3.71 0.32
N GLY A 8 0.83 -3.11 -0.33
CA GLY A 8 0.57 -2.28 -1.49
C GLY A 8 1.67 -1.26 -1.73
N PRO A 9 2.65 -1.58 -2.59
CA PRO A 9 3.76 -0.68 -2.89
C PRO A 9 3.32 0.54 -3.69
N CYS A 10 2.70 1.50 -3.00
CA CYS A 10 2.23 2.72 -3.66
C CYS A 10 2.36 3.91 -2.73
N ALA A 1 -2.67 3.08 -4.24
CA ALA A 1 -3.69 2.57 -3.30
C ALA A 1 -3.15 1.43 -2.45
N CYS A 2 -1.85 1.47 -2.17
CA CYS A 2 -1.20 0.44 -1.38
C CYS A 2 -1.94 0.19 -0.07
N LEU A 3 -1.39 -0.70 0.75
CA LEU A 3 -2.00 -1.03 2.03
C LEU A 3 -2.18 0.22 2.90
N PRO A 4 -2.84 0.07 4.07
CA PRO A 4 -3.07 1.19 4.99
C PRO A 4 -1.76 1.81 5.46
N TRP A 5 -0.72 0.98 5.55
CA TRP A 5 0.59 1.45 6.00
C TRP A 5 1.60 1.37 4.86
N SER A 6 1.11 1.49 3.62
CA SER A 6 1.97 1.44 2.45
C SER A 6 2.68 0.09 2.35
N ASP A 7 2.09 -0.82 1.58
CA ASP A 7 2.66 -2.15 1.40
C ASP A 7 2.06 -2.82 0.17
N GLY A 8 2.91 -3.15 -0.79
CA GLY A 8 2.44 -3.80 -2.00
C GLY A 8 2.32 -2.84 -3.17
N PRO A 9 1.31 -3.02 -4.04
CA PRO A 9 1.11 -2.14 -5.20
C PRO A 9 0.64 -0.75 -4.79
N CYS A 10 1.37 0.26 -5.24
CA CYS A 10 1.03 1.65 -4.93
C CYS A 10 0.51 2.38 -6.17
N ALA A 1 -5.71 3.25 -3.20
CA ALA A 1 -4.36 3.41 -2.59
C ALA A 1 -3.74 2.05 -2.26
N CYS A 2 -2.58 2.08 -1.62
CA CYS A 2 -1.88 0.87 -1.24
C CYS A 2 -2.35 0.37 0.13
N LEU A 3 -1.57 -0.52 0.74
CA LEU A 3 -1.90 -1.07 2.05
C LEU A 3 -2.18 0.04 3.06
N PRO A 4 -2.76 -0.32 4.21
CA PRO A 4 -3.08 0.66 5.27
C PRO A 4 -1.86 1.46 5.71
N TRP A 5 -0.73 0.77 5.86
CA TRP A 5 0.51 1.40 6.27
C TRP A 5 1.55 1.35 5.15
N SER A 6 1.10 1.64 3.93
CA SER A 6 1.99 1.63 2.77
C SER A 6 2.65 0.26 2.60
N ASP A 7 2.16 -0.51 1.64
CA ASP A 7 2.70 -1.84 1.37
C ASP A 7 1.99 -2.49 0.19
N GLY A 8 2.76 -2.87 -0.82
CA GLY A 8 2.19 -3.50 -2.00
C GLY A 8 2.54 -2.76 -3.28
N PRO A 9 2.21 -3.33 -4.45
CA PRO A 9 2.51 -2.72 -5.74
C PRO A 9 1.62 -1.51 -6.03
N CYS A 10 2.23 -0.33 -6.07
CA CYS A 10 1.51 0.90 -6.33
C CYS A 10 2.38 1.92 -7.03
N ALA A 1 0.36 4.10 -2.70
CA ALA A 1 0.44 2.81 -1.98
C ALA A 1 -0.95 2.21 -1.79
N CYS A 2 -1.08 0.91 -2.05
CA CYS A 2 -2.34 0.22 -1.92
C CYS A 2 -2.45 -0.48 -0.57
N LEU A 3 -1.58 -0.08 0.35
CA LEU A 3 -1.57 -0.65 1.70
C LEU A 3 -1.74 0.44 2.76
N PRO A 4 -2.92 0.51 3.39
CA PRO A 4 -3.19 1.51 4.43
C PRO A 4 -2.16 1.48 5.55
N TRP A 5 -1.61 0.30 5.80
CA TRP A 5 -0.61 0.13 6.86
C TRP A 5 0.73 -0.30 6.27
N SER A 6 0.90 -0.15 4.96
CA SER A 6 2.13 -0.53 4.29
C SER A 6 2.25 0.23 2.97
N ASP A 7 2.85 -0.40 1.98
CA ASP A 7 3.02 0.23 0.66
C ASP A 7 2.27 -0.56 -0.41
N GLY A 8 2.91 -1.59 -0.96
CA GLY A 8 2.28 -2.41 -1.99
C GLY A 8 1.58 -1.57 -3.05
N PRO A 9 2.25 -1.28 -4.18
CA PRO A 9 1.66 -0.49 -5.27
C PRO A 9 0.47 -1.19 -5.91
N CYS A 10 -0.61 -0.45 -6.12
CA CYS A 10 -1.82 -0.99 -6.72
C CYS A 10 -1.50 -1.64 -8.07
N ALA A 1 0.94 3.88 -2.53
CA ALA A 1 0.66 3.09 -1.30
C ALA A 1 -0.75 2.53 -1.33
N CYS A 2 -0.89 1.29 -1.78
CA CYS A 2 -2.18 0.63 -1.87
C CYS A 2 -2.46 -0.20 -0.61
N LEU A 3 -1.69 0.05 0.42
CA LEU A 3 -1.85 -0.67 1.69
C LEU A 3 -2.10 0.30 2.84
N PRO A 4 -3.07 0.01 3.72
CA PRO A 4 -3.40 0.87 4.86
C PRO A 4 -2.20 1.12 5.77
N TRP A 5 -1.58 0.04 6.22
CA TRP A 5 -0.42 0.13 7.11
C TRP A 5 0.87 -0.14 6.34
N SER A 6 0.86 0.09 5.03
CA SER A 6 2.03 -0.12 4.21
C SER A 6 1.88 0.63 2.89
N ASP A 7 2.38 0.05 1.80
CA ASP A 7 2.29 0.67 0.49
C ASP A 7 1.89 -0.36 -0.57
N GLY A 8 2.86 -1.05 -1.14
CA GLY A 8 2.58 -2.04 -2.16
C GLY A 8 1.98 -1.43 -3.41
N PRO A 9 2.48 -1.80 -4.60
CA PRO A 9 1.97 -1.26 -5.87
C PRO A 9 0.56 -1.78 -6.19
N CYS A 10 -0.30 -0.87 -6.60
CA CYS A 10 -1.68 -1.23 -6.94
C CYS A 10 -1.72 -2.11 -8.18
N ALA A 1 -0.23 4.60 -0.33
CA ALA A 1 -0.51 3.59 -1.38
C ALA A 1 -1.58 2.60 -0.93
N CYS A 2 -1.90 1.64 -1.80
CA CYS A 2 -2.91 0.62 -1.52
C CYS A 2 -2.95 0.24 -0.06
N LEU A 3 -1.97 -0.53 0.33
CA LEU A 3 -1.83 -1.01 1.70
C LEU A 3 -1.98 0.13 2.70
N PRO A 4 -3.11 0.18 3.45
CA PRO A 4 -3.36 1.23 4.44
C PRO A 4 -2.29 1.25 5.53
N TRP A 5 -1.68 0.10 5.78
CA TRP A 5 -0.65 -0.01 6.80
C TRP A 5 0.73 -0.17 6.17
N SER A 6 0.81 0.06 4.86
CA SER A 6 2.06 -0.04 4.14
C SER A 6 1.94 0.66 2.79
N ASP A 7 2.58 0.09 1.77
CA ASP A 7 2.54 0.66 0.43
C ASP A 7 2.15 -0.39 -0.60
N GLY A 8 3.14 -1.18 -1.04
CA GLY A 8 2.89 -2.22 -2.01
C GLY A 8 2.48 -1.66 -3.37
N PRO A 9 2.99 -2.23 -4.47
CA PRO A 9 2.66 -1.77 -5.81
C PRO A 9 1.28 -2.23 -6.28
N CYS A 10 0.54 -1.34 -6.92
CA CYS A 10 -0.79 -1.66 -7.42
C CYS A 10 -1.11 -0.85 -8.67
N ALA A 1 -5.25 1.01 -5.14
CA ALA A 1 -4.71 1.90 -4.08
C ALA A 1 -3.73 1.15 -3.19
N CYS A 2 -2.83 1.90 -2.57
CA CYS A 2 -1.82 1.32 -1.69
C CYS A 2 -2.37 1.16 -0.28
N LEU A 3 -1.67 0.39 0.54
CA LEU A 3 -2.10 0.16 1.92
C LEU A 3 -1.37 1.10 2.87
N PRO A 4 -2.08 1.63 3.89
CA PRO A 4 -1.50 2.55 4.87
C PRO A 4 -0.32 1.95 5.63
N TRP A 5 -0.46 0.72 6.07
CA TRP A 5 0.59 0.04 6.82
C TRP A 5 1.24 -1.08 6.01
N SER A 6 1.26 -0.92 4.69
CA SER A 6 1.85 -1.92 3.81
C SER A 6 1.65 -1.54 2.34
N ASP A 7 2.13 -0.35 1.97
CA ASP A 7 2.02 0.16 0.61
C ASP A 7 1.95 -0.97 -0.43
N GLY A 8 3.08 -1.63 -0.65
CA GLY A 8 3.13 -2.72 -1.61
C GLY A 8 2.69 -2.30 -3.00
N PRO A 9 1.50 -2.75 -3.45
CA PRO A 9 0.98 -2.41 -4.78
C PRO A 9 0.74 -0.91 -4.93
N CYS A 10 1.77 -0.19 -5.38
CA CYS A 10 1.66 1.26 -5.56
C CYS A 10 1.90 1.63 -7.02
N ALA A 1 -5.06 2.64 -4.37
CA ALA A 1 -5.58 1.51 -3.55
C ALA A 1 -4.47 0.84 -2.77
N CYS A 2 -3.54 1.65 -2.26
CA CYS A 2 -2.43 1.15 -1.48
C CYS A 2 -2.80 1.00 -0.01
N LEU A 3 -1.97 0.28 0.74
CA LEU A 3 -2.22 0.06 2.16
C LEU A 3 -1.37 1.01 3.01
N PRO A 4 -1.99 1.70 3.99
CA PRO A 4 -1.28 2.65 4.86
C PRO A 4 -0.16 1.99 5.65
N TRP A 5 -0.43 0.81 6.19
CA TRP A 5 0.56 0.07 6.96
C TRP A 5 1.27 -0.97 6.10
N SER A 6 1.24 -0.76 4.79
CA SER A 6 1.88 -1.68 3.84
C SER A 6 1.47 -1.33 2.41
N ASP A 7 2.04 -0.25 1.89
CA ASP A 7 1.73 0.21 0.53
C ASP A 7 1.61 -0.97 -0.44
N GLY A 8 2.73 -1.63 -0.70
CA GLY A 8 2.73 -2.76 -1.61
C GLY A 8 2.85 -2.33 -3.06
N PRO A 9 2.14 -3.01 -3.98
CA PRO A 9 2.18 -2.68 -5.41
C PRO A 9 1.54 -1.32 -5.71
N CYS A 10 2.39 -0.34 -6.02
CA CYS A 10 1.90 1.00 -6.32
C CYS A 10 2.94 1.78 -7.14
N ALA A 1 -5.33 1.00 -3.95
CA ALA A 1 -3.88 1.27 -3.89
C ALA A 1 -3.25 0.67 -2.64
N CYS A 2 -1.95 0.87 -2.48
CA CYS A 2 -1.20 0.35 -1.34
C CYS A 2 -2.00 0.47 -0.05
N LEU A 3 -1.60 -0.29 0.96
CA LEU A 3 -2.29 -0.27 2.25
C LEU A 3 -1.86 0.95 3.07
N PRO A 4 -2.62 1.27 4.14
CA PRO A 4 -2.33 2.42 5.00
C PRO A 4 -0.88 2.45 5.47
N TRP A 5 -0.33 1.29 5.77
CA TRP A 5 1.04 1.19 6.23
C TRP A 5 1.95 0.65 5.13
N SER A 6 1.64 1.02 3.90
CA SER A 6 2.43 0.59 2.75
C SER A 6 2.40 -0.93 2.60
N ASP A 7 1.74 -1.39 1.54
CA ASP A 7 1.63 -2.82 1.27
C ASP A 7 0.83 -3.06 -0.01
N GLY A 8 1.53 -3.20 -1.12
CA GLY A 8 0.88 -3.42 -2.39
C GLY A 8 1.42 -2.52 -3.49
N PRO A 9 0.58 -2.15 -4.47
CA PRO A 9 1.00 -1.29 -5.58
C PRO A 9 1.22 0.16 -5.14
N CYS A 10 2.48 0.56 -5.04
CA CYS A 10 2.82 1.92 -4.62
C CYS A 10 3.84 2.54 -5.58
N ALA A 1 -0.98 3.99 -2.53
CA ALA A 1 -0.88 3.06 -1.37
C ALA A 1 -2.04 2.07 -1.35
N CYS A 2 -1.73 0.80 -1.65
CA CYS A 2 -2.75 -0.23 -1.66
C CYS A 2 -3.08 -0.70 -0.26
N LEU A 3 -2.29 -0.24 0.69
CA LEU A 3 -2.48 -0.57 2.10
C LEU A 3 -2.09 0.61 2.98
N PRO A 4 -2.92 0.94 4.00
CA PRO A 4 -2.65 2.05 4.92
C PRO A 4 -1.39 1.86 5.74
N TRP A 5 -0.92 0.61 5.84
CA TRP A 5 0.27 0.30 6.62
C TRP A 5 1.42 -0.18 5.73
N SER A 6 1.12 -0.42 4.46
CA SER A 6 2.14 -0.89 3.51
C SER A 6 1.65 -0.72 2.08
N ASP A 7 1.73 0.51 1.59
CA ASP A 7 1.30 0.86 0.23
C ASP A 7 1.21 -0.36 -0.67
N GLY A 8 2.36 -0.94 -1.02
CA GLY A 8 2.38 -2.12 -1.86
C GLY A 8 2.55 -1.77 -3.33
N PRO A 9 2.68 -2.79 -4.21
CA PRO A 9 2.84 -2.57 -5.65
C PRO A 9 1.52 -2.21 -6.33
N CYS A 10 1.08 -0.97 -6.16
CA CYS A 10 -0.17 -0.51 -6.77
C CYS A 10 0.00 0.87 -7.38
N ALA A 1 -5.46 3.71 -4.20
CA ALA A 1 -5.16 3.52 -2.76
C ALA A 1 -4.01 2.54 -2.55
N CYS A 2 -3.01 2.96 -1.78
CA CYS A 2 -1.86 2.13 -1.51
C CYS A 2 -2.11 1.25 -0.29
N LEU A 3 -1.07 0.55 0.16
CA LEU A 3 -1.19 -0.32 1.33
C LEU A 3 -1.52 0.50 2.58
N PRO A 4 -2.69 0.25 3.20
CA PRO A 4 -3.12 0.99 4.40
C PRO A 4 -2.13 0.87 5.56
N TRP A 5 -1.36 -0.22 5.57
CA TRP A 5 -0.40 -0.43 6.65
C TRP A 5 1.05 -0.39 6.12
N SER A 6 1.21 -0.24 4.82
CA SER A 6 2.54 -0.19 4.22
C SER A 6 2.47 0.39 2.81
N ASP A 7 3.29 -0.14 1.91
CA ASP A 7 3.32 0.33 0.54
C ASP A 7 2.84 -0.76 -0.41
N GLY A 8 3.70 -1.75 -0.67
CA GLY A 8 3.34 -2.84 -1.56
C GLY A 8 3.14 -2.38 -2.99
N PRO A 9 2.92 -3.31 -3.94
CA PRO A 9 2.72 -2.98 -5.34
C PRO A 9 1.36 -2.34 -5.60
N CYS A 10 1.27 -1.03 -5.37
CA CYS A 10 0.02 -0.31 -5.57
C CYS A 10 -0.22 -0.03 -7.06
N ALA A 1 -6.02 3.27 -4.28
CA ALA A 1 -5.25 3.50 -3.04
C ALA A 1 -4.72 2.18 -2.47
N CYS A 2 -3.42 2.15 -2.19
CA CYS A 2 -2.78 0.97 -1.65
C CYS A 2 -2.88 0.94 -0.13
N LEU A 3 -2.06 0.10 0.50
CA LEU A 3 -2.06 -0.03 1.95
C LEU A 3 -1.15 1.01 2.59
N PRO A 4 -1.72 1.96 3.36
CA PRO A 4 -0.95 3.00 4.04
C PRO A 4 0.22 2.44 4.84
N TRP A 5 0.17 1.14 5.14
CA TRP A 5 1.23 0.52 5.93
C TRP A 5 1.23 -1.00 5.78
N SER A 6 0.89 -1.50 4.59
CA SER A 6 0.86 -2.95 4.38
C SER A 6 0.83 -3.32 2.90
N ASP A 7 1.20 -2.39 2.03
CA ASP A 7 1.24 -2.65 0.60
C ASP A 7 1.68 -1.41 -0.17
N GLY A 8 3.00 -1.19 -0.21
CA GLY A 8 3.53 -0.03 -0.91
C GLY A 8 3.35 -0.13 -2.41
N PRO A 9 3.97 -1.13 -3.07
CA PRO A 9 3.86 -1.30 -4.51
C PRO A 9 2.42 -1.52 -4.97
N CYS A 10 1.97 -0.70 -5.92
CA CYS A 10 0.61 -0.79 -6.44
C CYS A 10 0.62 -0.78 -7.96
N ALA A 1 -6.13 0.67 -4.30
CA ALA A 1 -5.59 1.63 -3.29
C ALA A 1 -4.52 0.97 -2.42
N CYS A 2 -3.45 0.51 -3.06
CA CYS A 2 -2.34 -0.15 -2.37
C CYS A 2 -2.11 0.44 -0.99
N LEU A 3 -1.95 -0.42 0.01
CA LEU A 3 -1.71 0.03 1.38
C LEU A 3 -0.54 1.00 1.44
N PRO A 4 -0.80 2.30 1.67
CA PRO A 4 0.24 3.32 1.74
C PRO A 4 1.36 2.97 2.71
N TRP A 5 1.06 2.09 3.67
CA TRP A 5 2.03 1.68 4.67
C TRP A 5 1.91 0.20 4.99
N SER A 6 1.44 -0.59 4.02
CA SER A 6 1.28 -2.02 4.21
C SER A 6 1.26 -2.75 2.87
N ASP A 7 0.44 -3.80 2.78
CA ASP A 7 0.32 -4.58 1.56
C ASP A 7 -0.12 -3.72 0.38
N GLY A 8 0.84 -3.05 -0.24
CA GLY A 8 0.53 -2.21 -1.38
C GLY A 8 1.63 -1.19 -1.67
N PRO A 9 2.40 -1.40 -2.77
CA PRO A 9 3.49 -0.48 -3.15
C PRO A 9 2.96 0.78 -3.83
N CYS A 10 2.06 1.49 -3.15
CA CYS A 10 1.50 2.71 -3.70
C CYS A 10 2.43 3.91 -3.49
N ALA A 1 1.28 2.25 -3.04
CA ALA A 1 0.60 2.72 -1.81
C ALA A 1 -0.90 2.39 -1.84
N CYS A 2 -1.21 1.11 -1.97
CA CYS A 2 -2.60 0.67 -2.01
C CYS A 2 -3.05 0.10 -0.67
N LEU A 3 -2.25 0.32 0.36
CA LEU A 3 -2.57 -0.16 1.70
C LEU A 3 -1.89 0.69 2.77
N PRO A 4 -2.64 1.20 3.76
CA PRO A 4 -2.09 2.03 4.84
C PRO A 4 -0.96 1.32 5.59
N TRP A 5 -1.30 0.23 6.25
CA TRP A 5 -0.31 -0.54 7.01
C TRP A 5 0.89 -0.91 6.15
N SER A 6 0.70 -0.95 4.83
CA SER A 6 1.78 -1.28 3.91
C SER A 6 1.48 -0.70 2.53
N ASP A 7 2.30 0.28 2.12
CA ASP A 7 2.13 0.94 0.83
C ASP A 7 1.77 -0.07 -0.27
N GLY A 8 2.77 -0.74 -0.81
CA GLY A 8 2.53 -1.72 -1.87
C GLY A 8 1.93 -1.09 -3.12
N PRO A 9 2.46 -1.43 -4.31
CA PRO A 9 1.95 -0.89 -5.58
C PRO A 9 0.63 -1.51 -5.98
N CYS A 10 -0.33 -0.68 -6.36
CA CYS A 10 -1.64 -1.16 -6.78
C CYS A 10 -1.54 -2.09 -7.98
N ALA A 1 -3.70 3.84 -4.48
CA ALA A 1 -4.29 3.01 -3.40
C ALA A 1 -3.33 1.91 -2.97
N CYS A 2 -2.33 2.28 -2.19
CA CYS A 2 -1.33 1.33 -1.71
C CYS A 2 -1.80 0.66 -0.41
N LEU A 3 -0.89 -0.07 0.23
CA LEU A 3 -1.21 -0.75 1.47
C LEU A 3 -1.58 0.25 2.57
N PRO A 4 -2.66 -0.03 3.33
CA PRO A 4 -3.11 0.86 4.40
C PRO A 4 -2.03 1.13 5.44
N TRP A 5 -1.27 0.08 5.78
CA TRP A 5 -0.21 0.21 6.77
C TRP A 5 1.18 0.10 6.13
N SER A 6 1.21 -0.01 4.80
CA SER A 6 2.46 -0.12 4.07
C SER A 6 2.30 0.42 2.65
N ASP A 7 3.01 -0.19 1.70
CA ASP A 7 2.94 0.23 0.31
C ASP A 7 2.70 -0.98 -0.60
N GLY A 8 3.76 -1.71 -0.90
CA GLY A 8 3.65 -2.88 -1.77
C GLY A 8 2.90 -2.59 -3.05
N PRO A 9 1.68 -3.13 -3.23
CA PRO A 9 0.88 -2.91 -4.45
C PRO A 9 0.28 -1.51 -4.49
N CYS A 10 0.82 -0.67 -5.38
CA CYS A 10 0.33 0.70 -5.51
C CYS A 10 -0.45 0.86 -6.82
N ALA A 1 -0.18 4.48 -1.40
CA ALA A 1 -0.59 3.60 -0.26
C ALA A 1 -1.60 2.55 -0.71
N CYS A 2 -1.09 1.48 -1.34
CA CYS A 2 -1.94 0.42 -1.82
C CYS A 2 -2.15 -0.66 -0.77
N LEU A 3 -1.58 -0.43 0.41
CA LEU A 3 -1.69 -1.37 1.52
C LEU A 3 -2.26 -0.67 2.76
N PRO A 4 -2.60 -1.46 3.79
CA PRO A 4 -3.16 -0.93 5.04
C PRO A 4 -2.18 -0.01 5.76
N TRP A 5 -0.89 -0.27 5.58
CA TRP A 5 0.15 0.54 6.22
C TRP A 5 0.90 1.38 5.19
N SER A 6 0.19 1.84 4.17
CA SER A 6 0.78 2.67 3.12
C SER A 6 1.92 1.93 2.42
N ASP A 7 1.56 0.95 1.60
CA ASP A 7 2.54 0.17 0.87
C ASP A 7 1.88 -0.57 -0.29
N GLY A 8 2.44 -1.71 -0.65
CA GLY A 8 1.89 -2.50 -1.74
C GLY A 8 1.95 -1.78 -3.08
N PRO A 9 2.45 -2.45 -4.14
CA PRO A 9 2.55 -1.85 -5.47
C PRO A 9 1.24 -1.97 -6.25
N CYS A 10 0.57 -0.84 -6.45
CA CYS A 10 -0.68 -0.81 -7.18
C CYS A 10 -0.52 -1.40 -8.58
N ALA A 1 -5.12 3.98 -3.89
CA ALA A 1 -4.81 3.75 -2.45
C ALA A 1 -4.02 2.47 -2.26
N CYS A 2 -2.82 2.60 -1.71
CA CYS A 2 -1.95 1.46 -1.47
C CYS A 2 -2.25 0.83 -0.11
N LEU A 3 -1.30 0.01 0.38
CA LEU A 3 -1.46 -0.66 1.66
C LEU A 3 -1.75 0.36 2.78
N PRO A 4 -2.78 0.11 3.61
CA PRO A 4 -3.16 1.01 4.70
C PRO A 4 -1.99 1.33 5.62
N TRP A 5 -1.32 0.28 6.09
CA TRP A 5 -0.19 0.45 6.99
C TRP A 5 1.10 -0.05 6.35
N SER A 6 1.15 -0.03 5.02
CA SER A 6 2.32 -0.47 4.29
C SER A 6 2.37 0.21 2.92
N ASP A 7 2.88 -0.49 1.92
CA ASP A 7 2.99 0.06 0.58
C ASP A 7 2.65 -1.00 -0.47
N GLY A 8 3.60 -1.90 -0.73
CA GLY A 8 3.38 -2.95 -1.71
C GLY A 8 3.20 -2.40 -3.11
N PRO A 9 2.83 -3.26 -4.08
CA PRO A 9 2.62 -2.84 -5.47
C PRO A 9 1.41 -1.94 -5.64
N CYS A 10 1.51 -0.96 -6.54
CA CYS A 10 0.42 -0.03 -6.78
C CYS A 10 0.42 0.44 -8.23
#